data_1A1N
#
_entry.id   1A1N
#
_cell.length_a   50.000
_cell.length_b   80.500
_cell.length_c   105.900
_cell.angle_alpha   90.00
_cell.angle_beta   90.00
_cell.angle_gamma   90.00
#
_symmetry.space_group_name_H-M   'P 21 21 21'
#
loop_
_entity.id
_entity.type
_entity.pdbx_description
1 polymer 'HLA class I histocompatibility antigen, BW-53 B*5301 alpha chain'
2 polymer Beta-2-microglobulin
3 polymer 'PEPTIDE VPLRPMTY'
4 water water
#
loop_
_entity_poly.entity_id
_entity_poly.type
_entity_poly.pdbx_seq_one_letter_code
_entity_poly.pdbx_strand_id
1 'polypeptide(L)'
;GSHSMRYFYTAMSRPGRGEPRFIAVGYVDDTQFVRFDSDAASPRTEPRPPWIEQEGPEYWDRNTQIFKTNTQTYRESLRN
LRGYYNQSEAGSHIIQRMYGCDLGPDGRLLRGHDQSAYDGKDYIALNEDLSSWTAADTAAQITQRKWEAARVAEQLRAYL
EGLCVEWLRRYLENGKETLQRADPPKTHVTHHPVSDHEATLRCWALGFYPAEITLTWQRDGEDQTQDTELVETRPAGDRT
FQKWAAVVVPSGEEQRYTCHVQHEGLPKPLTLRWEP
;
A
2 'polypeptide(L)'
;IQRTPKIQVYSRHPAENGKSNFLNCYVSGFHPSDIEVDLLKNGERIEKVEHSDLSFSKDWSFYLLYYTEFTPTEKDEYAC
RVNHVTLSQPKIVKWDRDM
;
B
3 'polypeptide(L)' VPLRPMTY C
#
# COMPACT_ATOMS: atom_id res chain seq x y z
N GLY A 1 15.99 3.31 -10.52
CA GLY A 1 15.35 3.29 -11.89
C GLY A 1 14.01 3.98 -11.90
N SER A 2 13.20 3.79 -12.95
CA SER A 2 11.90 4.44 -12.99
C SER A 2 10.63 3.58 -12.95
N HIS A 3 10.70 2.27 -13.23
CA HIS A 3 9.46 1.44 -13.18
C HIS A 3 9.61 0.03 -12.59
N SER A 4 8.54 -0.47 -11.98
CA SER A 4 8.55 -1.82 -11.41
C SER A 4 7.16 -2.48 -11.39
N MET A 5 7.17 -3.82 -11.36
CA MET A 5 5.95 -4.60 -11.29
C MET A 5 6.06 -5.47 -10.03
N ARG A 6 4.96 -5.64 -9.30
CA ARG A 6 5.02 -6.41 -8.08
C ARG A 6 3.67 -7.13 -7.86
N TYR A 7 3.72 -8.39 -7.42
CA TYR A 7 2.52 -9.11 -7.04
C TYR A 7 2.57 -9.29 -5.50
N PHE A 8 1.43 -9.11 -4.84
CA PHE A 8 1.31 -9.23 -3.39
C PHE A 8 0.24 -10.30 -3.07
N TYR A 9 0.67 -11.35 -2.37
CA TYR A 9 -0.21 -12.46 -1.97
C TYR A 9 -0.38 -12.50 -0.46
N THR A 10 -1.60 -12.75 0.01
CA THR A 10 -1.86 -12.87 1.46
C THR A 10 -2.72 -14.14 1.64
N ALA A 11 -2.26 -15.10 2.44
CA ALA A 11 -3.01 -16.34 2.71
C ALA A 11 -3.26 -16.33 4.19
N MET A 12 -4.53 -16.45 4.59
CA MET A 12 -4.93 -16.36 6.00
C MET A 12 -5.79 -17.55 6.48
N SER A 13 -5.34 -18.24 7.54
CA SER A 13 -6.08 -19.36 8.11
C SER A 13 -7.06 -18.77 9.15
N ARG A 14 -8.17 -19.47 9.36
CA ARG A 14 -9.20 -19.03 10.31
C ARG A 14 -9.92 -20.28 10.87
N PRO A 15 -9.25 -21.05 11.76
CA PRO A 15 -9.83 -22.26 12.34
C PRO A 15 -11.24 -22.07 12.88
N GLY A 16 -12.15 -22.94 12.47
CA GLY A 16 -13.51 -22.87 12.94
C GLY A 16 -14.36 -21.94 12.08
N ARG A 17 -13.73 -21.31 11.08
CA ARG A 17 -14.43 -20.37 10.19
C ARG A 17 -14.16 -20.61 8.71
N GLY A 18 -14.07 -21.88 8.35
CA GLY A 18 -13.83 -22.23 6.96
C GLY A 18 -12.35 -22.41 6.61
N GLU A 19 -12.12 -22.64 5.33
CA GLU A 19 -10.78 -22.86 4.79
C GLU A 19 -9.99 -21.56 4.64
N PRO A 20 -8.64 -21.65 4.58
CA PRO A 20 -7.84 -20.42 4.45
C PRO A 20 -8.15 -19.60 3.18
N ARG A 21 -8.22 -18.28 3.36
CA ARG A 21 -8.51 -17.34 2.27
C ARG A 21 -7.21 -16.90 1.57
N PHE A 22 -7.22 -16.86 0.24
CA PHE A 22 -6.09 -16.41 -0.56
C PHE A 22 -6.52 -15.18 -1.37
N ILE A 23 -5.77 -14.09 -1.23
CA ILE A 23 -5.99 -12.85 -1.96
C ILE A 23 -4.69 -12.47 -2.71
N ALA A 24 -4.80 -12.09 -3.98
CA ALA A 24 -3.66 -11.66 -4.77
C ALA A 24 -3.98 -10.34 -5.48
N VAL A 25 -3.04 -9.39 -5.45
CA VAL A 25 -3.16 -8.11 -6.20
C VAL A 25 -1.86 -7.88 -6.99
N GLY A 26 -1.98 -7.27 -8.17
CA GLY A 26 -0.81 -6.97 -8.98
C GLY A 26 -0.74 -5.45 -9.16
N TYR A 27 0.48 -4.91 -9.09
CA TYR A 27 0.76 -3.48 -9.20
C TYR A 27 1.90 -3.19 -10.22
N VAL A 28 1.78 -2.06 -10.92
CA VAL A 28 2.86 -1.56 -11.81
C VAL A 28 3.04 -0.21 -11.12
N ASP A 29 4.18 -0.03 -10.47
CA ASP A 29 4.47 1.16 -9.69
C ASP A 29 3.36 1.33 -8.66
N ASP A 30 2.73 2.50 -8.57
CA ASP A 30 1.67 2.71 -7.59
C ASP A 30 0.25 2.55 -8.13
N THR A 31 0.15 1.77 -9.20
CA THR A 31 -1.11 1.52 -9.90
C THR A 31 -1.49 0.04 -9.85
N GLN A 32 -2.58 -0.28 -9.14
CA GLN A 32 -3.06 -1.67 -9.08
C GLN A 32 -3.77 -2.00 -10.39
N PHE A 33 -3.49 -3.17 -10.95
CA PHE A 33 -4.09 -3.60 -12.18
C PHE A 33 -4.93 -4.91 -12.20
N VAL A 34 -4.79 -5.77 -11.18
CA VAL A 34 -5.56 -7.03 -11.12
C VAL A 34 -5.75 -7.40 -9.66
N ARG A 35 -6.79 -8.23 -9.43
CA ARG A 35 -7.12 -8.74 -8.09
C ARG A 35 -7.72 -10.17 -8.22
N PHE A 36 -7.69 -10.91 -7.11
CA PHE A 36 -8.25 -12.27 -7.04
C PHE A 36 -8.49 -12.51 -5.55
N ASP A 37 -9.68 -13.04 -5.22
CA ASP A 37 -10.04 -13.30 -3.84
C ASP A 37 -10.76 -14.65 -3.83
N SER A 38 -10.25 -15.61 -3.07
CA SER A 38 -10.87 -16.95 -3.04
C SER A 38 -12.23 -16.94 -2.33
N ASP A 39 -12.53 -15.86 -1.59
CA ASP A 39 -13.80 -15.74 -0.89
C ASP A 39 -14.96 -15.18 -1.76
N ALA A 40 -14.69 -14.89 -3.03
CA ALA A 40 -15.72 -14.34 -3.90
C ALA A 40 -16.60 -15.44 -4.45
N ALA A 41 -17.77 -15.05 -4.95
CA ALA A 41 -18.69 -16.00 -5.56
C ALA A 41 -18.10 -16.02 -6.95
N SER A 42 -17.67 -17.18 -7.39
CA SER A 42 -17.03 -17.30 -8.71
C SER A 42 -15.66 -16.59 -8.64
N PRO A 43 -14.70 -17.17 -7.88
CA PRO A 43 -13.39 -16.56 -7.77
C PRO A 43 -12.76 -16.53 -9.15
N ARG A 44 -12.33 -15.35 -9.57
CA ARG A 44 -11.72 -15.19 -10.88
C ARG A 44 -10.89 -13.93 -10.81
N THR A 45 -9.83 -13.86 -11.62
CA THR A 45 -9.03 -12.64 -11.64
C THR A 45 -9.76 -11.50 -12.40
N GLU A 46 -9.86 -10.37 -11.72
CA GLU A 46 -10.54 -9.23 -12.27
C GLU A 46 -9.65 -8.03 -12.54
N PRO A 47 -9.98 -7.26 -13.60
CA PRO A 47 -9.20 -6.07 -13.97
C PRO A 47 -9.42 -4.91 -12.99
N ARG A 48 -8.36 -4.17 -12.70
CA ARG A 48 -8.42 -3.01 -11.81
C ARG A 48 -7.95 -1.63 -12.37
N PRO A 49 -7.48 -1.57 -13.64
CA PRO A 49 -7.04 -0.37 -14.36
C PRO A 49 -7.53 -0.59 -15.82
N PRO A 50 -8.00 0.46 -16.49
CA PRO A 50 -8.49 0.31 -17.87
C PRO A 50 -7.55 -0.35 -18.87
N TRP A 51 -6.26 -0.06 -18.77
CA TRP A 51 -5.34 -0.60 -19.77
C TRP A 51 -5.13 -2.11 -19.78
N ILE A 52 -5.65 -2.80 -18.77
CA ILE A 52 -5.49 -4.26 -18.73
C ILE A 52 -6.69 -4.97 -19.42
N GLU A 53 -7.83 -4.29 -19.50
CA GLU A 53 -9.03 -4.86 -20.11
C GLU A 53 -8.87 -5.39 -21.52
N GLN A 54 -7.93 -4.83 -22.27
CA GLN A 54 -7.73 -5.28 -23.64
C GLN A 54 -7.06 -6.66 -23.71
N GLU A 55 -6.60 -7.20 -22.58
CA GLU A 55 -5.95 -8.53 -22.60
C GLU A 55 -6.92 -9.66 -23.01
N GLY A 56 -6.42 -10.63 -23.78
CA GLY A 56 -7.25 -11.73 -24.25
C GLY A 56 -7.75 -12.73 -23.23
N PRO A 57 -8.70 -13.61 -23.62
CA PRO A 57 -9.30 -14.66 -22.76
C PRO A 57 -8.24 -15.57 -22.16
N GLU A 58 -7.26 -15.93 -22.98
CA GLU A 58 -6.17 -16.78 -22.56
C GLU A 58 -5.38 -16.15 -21.40
N TYR A 59 -5.20 -14.84 -21.42
CA TYR A 59 -4.49 -14.16 -20.33
C TYR A 59 -5.30 -14.34 -19.05
N TRP A 60 -6.60 -14.07 -19.12
CA TRP A 60 -7.47 -14.16 -17.95
C TRP A 60 -7.63 -15.59 -17.41
N ASP A 61 -7.66 -16.57 -18.32
CA ASP A 61 -7.79 -17.96 -17.90
C ASP A 61 -6.52 -18.46 -17.26
N ARG A 62 -5.39 -18.09 -17.82
CA ARG A 62 -4.09 -18.47 -17.28
C ARG A 62 -3.95 -17.91 -15.84
N ASN A 63 -4.29 -16.64 -15.65
CA ASN A 63 -4.20 -16.01 -14.33
C ASN A 63 -5.10 -16.73 -13.33
N THR A 64 -6.34 -16.98 -13.73
CA THR A 64 -7.31 -17.65 -12.85
C THR A 64 -6.88 -19.08 -12.50
N GLN A 65 -6.34 -19.82 -13.47
CA GLN A 65 -5.82 -21.18 -13.22
C GLN A 65 -4.72 -21.10 -12.15
N ILE A 66 -3.80 -20.15 -12.32
CA ILE A 66 -2.71 -19.99 -11.37
C ILE A 66 -3.19 -19.57 -9.98
N PHE A 67 -4.09 -18.59 -9.92
CA PHE A 67 -4.59 -18.13 -8.63
C PHE A 67 -5.46 -19.14 -7.93
N LYS A 68 -6.21 -19.93 -8.69
CA LYS A 68 -7.03 -20.99 -8.06
C LYS A 68 -6.08 -22.07 -7.51
N THR A 69 -5.00 -22.40 -8.23
CA THR A 69 -4.03 -23.38 -7.72
C THR A 69 -3.36 -22.83 -6.47
N ASN A 70 -3.04 -21.52 -6.46
CA ASN A 70 -2.43 -20.85 -5.31
C ASN A 70 -3.29 -21.02 -4.06
N THR A 71 -4.61 -20.89 -4.22
CA THR A 71 -5.52 -21.06 -3.09
C THR A 71 -5.30 -22.44 -2.44
N GLN A 72 -5.21 -23.50 -3.24
CA GLN A 72 -4.97 -24.88 -2.73
C GLN A 72 -3.57 -25.00 -2.13
N THR A 73 -2.59 -24.57 -2.91
CA THR A 73 -1.20 -24.58 -2.55
C THR A 73 -0.93 -23.90 -1.22
N TYR A 74 -1.50 -22.72 -1.01
CA TYR A 74 -1.30 -22.00 0.24
C TYR A 74 -1.98 -22.64 1.48
N ARG A 75 -3.08 -23.35 1.25
CA ARG A 75 -3.75 -24.05 2.35
C ARG A 75 -2.80 -25.13 2.87
N GLU A 76 -2.14 -25.82 1.93
CA GLU A 76 -1.15 -26.85 2.23
C GLU A 76 0.05 -26.24 2.95
N SER A 77 0.50 -25.08 2.48
CA SER A 77 1.66 -24.40 3.10
C SER A 77 1.39 -23.90 4.50
N LEU A 78 0.18 -23.39 4.74
CA LEU A 78 -0.16 -22.94 6.09
C LEU A 78 -0.14 -24.15 7.04
N ARG A 79 -0.61 -25.31 6.57
CA ARG A 79 -0.57 -26.54 7.36
C ARG A 79 0.91 -26.87 7.63
N ASN A 80 1.73 -26.86 6.58
CA ASN A 80 3.17 -27.14 6.69
C ASN A 80 3.88 -26.23 7.70
N LEU A 81 3.76 -24.90 7.58
CA LEU A 81 4.42 -24.00 8.53
C LEU A 81 3.95 -24.16 9.98
N ARG A 82 2.65 -24.46 10.14
CA ARG A 82 2.14 -24.67 11.50
C ARG A 82 2.96 -25.81 12.13
N GLY A 83 3.16 -26.89 11.38
CA GLY A 83 3.96 -28.01 11.85
C GLY A 83 5.43 -27.65 12.08
N TYR A 84 6.07 -26.93 11.14
CA TYR A 84 7.49 -26.52 11.30
C TYR A 84 7.73 -25.76 12.59
N TYR A 85 6.68 -25.13 13.11
CA TYR A 85 6.77 -24.36 14.33
C TYR A 85 6.07 -24.99 15.56
N ASN A 86 5.57 -26.22 15.42
CA ASN A 86 4.89 -26.95 16.52
C ASN A 86 3.71 -26.17 17.13
N GLN A 87 2.95 -25.46 16.28
CA GLN A 87 1.84 -24.61 16.71
C GLN A 87 0.52 -25.34 16.79
N SER A 88 -0.42 -24.83 17.59
CA SER A 88 -1.75 -25.47 17.70
C SER A 88 -2.59 -25.22 16.48
N GLU A 89 -3.48 -26.15 16.19
CA GLU A 89 -4.38 -26.05 15.04
C GLU A 89 -5.46 -25.00 15.28
N ALA A 90 -5.49 -24.45 16.49
CA ALA A 90 -6.49 -23.47 16.88
C ALA A 90 -6.19 -22.01 16.55
N GLY A 91 -4.92 -21.68 16.29
CA GLY A 91 -4.58 -20.30 15.99
C GLY A 91 -4.67 -19.90 14.53
N SER A 92 -4.84 -18.60 14.29
CA SER A 92 -4.89 -18.10 12.91
C SER A 92 -3.49 -17.63 12.54
N HIS A 93 -3.08 -17.91 11.31
CA HIS A 93 -1.77 -17.51 10.84
C HIS A 93 -1.85 -16.97 9.42
N ILE A 94 -0.83 -16.20 9.02
CA ILE A 94 -0.74 -15.58 7.69
C ILE A 94 0.62 -15.77 7.03
N ILE A 95 0.58 -16.15 5.77
CA ILE A 95 1.77 -16.25 4.95
C ILE A 95 1.58 -15.13 3.89
N GLN A 96 2.59 -14.28 3.75
CA GLN A 96 2.54 -13.23 2.72
C GLN A 96 3.70 -13.46 1.75
N ARG A 97 3.50 -13.12 0.48
CA ARG A 97 4.56 -13.22 -0.51
C ARG A 97 4.54 -11.99 -1.41
N MET A 98 5.71 -11.44 -1.73
CA MET A 98 5.80 -10.30 -2.65
C MET A 98 6.99 -10.51 -3.59
N TYR A 99 6.74 -10.44 -4.89
CA TYR A 99 7.78 -10.64 -5.89
C TYR A 99 7.56 -9.75 -7.13
N GLY A 100 8.63 -9.55 -7.90
CA GLY A 100 8.56 -8.73 -9.09
C GLY A 100 9.92 -8.22 -9.56
N CYS A 101 9.86 -7.34 -10.56
CA CYS A 101 11.05 -6.81 -11.20
C CYS A 101 11.13 -5.29 -11.22
N ASP A 102 12.36 -4.79 -11.16
CA ASP A 102 12.64 -3.36 -11.21
C ASP A 102 13.42 -3.04 -12.50
N LEU A 103 12.98 -2.00 -13.22
CA LEU A 103 13.60 -1.53 -14.46
C LEU A 103 14.21 -0.16 -14.19
N GLY A 104 15.35 0.15 -14.79
CA GLY A 104 15.96 1.47 -14.62
C GLY A 104 15.39 2.45 -15.64
N PRO A 105 15.86 3.71 -15.71
CA PRO A 105 15.24 4.58 -16.74
C PRO A 105 15.51 4.06 -18.17
N ASP A 106 16.57 3.28 -18.34
CA ASP A 106 16.93 2.69 -19.64
C ASP A 106 16.05 1.52 -20.06
N GLY A 107 15.19 1.07 -19.15
CA GLY A 107 14.31 -0.06 -19.44
C GLY A 107 14.88 -1.45 -19.17
N ARG A 108 16.15 -1.54 -18.79
CA ARG A 108 16.71 -2.86 -18.53
C ARG A 108 16.58 -3.23 -17.05
N LEU A 109 16.57 -4.53 -16.79
CA LEU A 109 16.46 -5.09 -15.44
C LEU A 109 17.55 -4.64 -14.45
N LEU A 110 17.12 -3.92 -13.42
CA LEU A 110 17.98 -3.42 -12.36
C LEU A 110 18.16 -4.55 -11.32
N ARG A 111 17.05 -5.17 -10.92
CA ARG A 111 17.01 -6.31 -9.98
C ARG A 111 15.67 -7.00 -9.81
N GLY A 112 15.72 -8.27 -9.41
CA GLY A 112 14.56 -9.10 -9.18
C GLY A 112 14.31 -9.21 -7.67
N HIS A 113 13.09 -9.58 -7.30
CA HIS A 113 12.68 -9.73 -5.91
C HIS A 113 11.73 -10.89 -5.70
N ASP A 114 11.83 -11.52 -4.53
CA ASP A 114 10.93 -12.60 -4.08
C ASP A 114 11.15 -12.80 -2.58
N GLN A 115 10.16 -12.44 -1.78
CA GLN A 115 10.22 -12.53 -0.31
C GLN A 115 8.91 -13.03 0.26
N SER A 116 8.99 -13.82 1.33
CA SER A 116 7.81 -14.35 2.03
C SER A 116 7.96 -14.12 3.51
N ALA A 117 6.84 -13.96 4.19
CA ALA A 117 6.81 -13.73 5.63
C ALA A 117 5.76 -14.65 6.29
N TYR A 118 5.91 -14.90 7.59
CA TYR A 118 4.97 -15.75 8.34
C TYR A 118 4.59 -14.91 9.50
N ASP A 119 3.31 -14.66 9.66
CA ASP A 119 2.83 -13.76 10.71
C ASP A 119 3.53 -12.39 10.79
N GLY A 120 3.88 -11.84 9.61
CA GLY A 120 4.50 -10.52 9.51
C GLY A 120 5.99 -10.41 9.78
N LYS A 121 6.67 -11.55 9.85
CA LYS A 121 8.12 -11.54 10.09
C LYS A 121 8.77 -12.35 8.98
N ASP A 122 9.93 -11.87 8.52
CA ASP A 122 10.67 -12.49 7.41
C ASP A 122 10.74 -14.00 7.61
N TYR A 123 10.55 -14.77 6.56
CA TYR A 123 10.61 -16.23 6.63
C TYR A 123 11.68 -16.74 5.64
N ILE A 124 11.51 -16.45 4.34
CA ILE A 124 12.47 -16.85 3.30
C ILE A 124 12.48 -15.81 2.17
N ALA A 125 13.66 -15.57 1.59
CA ALA A 125 13.82 -14.60 0.51
C ALA A 125 14.85 -15.04 -0.53
N LEU A 126 14.55 -14.78 -1.79
CA LEU A 126 15.49 -15.07 -2.86
C LEU A 126 16.54 -13.95 -2.75
N ASN A 127 17.80 -14.31 -2.89
CA ASN A 127 18.85 -13.29 -2.78
C ASN A 127 18.95 -12.50 -4.10
N GLU A 128 19.66 -11.38 -4.05
CA GLU A 128 19.85 -10.54 -5.24
C GLU A 128 20.47 -11.28 -6.43
N ASP A 129 21.25 -12.32 -6.16
CA ASP A 129 21.85 -13.13 -7.23
C ASP A 129 20.83 -13.96 -8.01
N LEU A 130 19.60 -14.03 -7.47
CA LEU A 130 18.50 -14.83 -8.05
C LEU A 130 18.91 -16.31 -8.19
N SER A 131 19.80 -16.76 -7.33
CA SER A 131 20.29 -18.15 -7.40
C SER A 131 20.29 -18.84 -6.05
N SER A 132 20.38 -18.08 -4.97
CA SER A 132 20.41 -18.65 -3.62
C SER A 132 19.32 -18.06 -2.70
N TRP A 133 19.09 -18.70 -1.55
CA TRP A 133 18.05 -18.27 -0.60
C TRP A 133 18.57 -17.85 0.74
N THR A 134 17.83 -17.00 1.42
CA THR A 134 18.14 -16.60 2.80
C THR A 134 16.91 -17.03 3.66
N ALA A 135 17.06 -18.11 4.43
CA ALA A 135 16.00 -18.63 5.32
C ALA A 135 16.18 -17.97 6.67
N ALA A 136 15.11 -17.51 7.31
CA ALA A 136 15.25 -16.81 8.58
C ALA A 136 15.52 -17.68 9.83
N ASP A 137 15.22 -18.97 9.73
CA ASP A 137 15.39 -19.85 10.90
C ASP A 137 15.36 -21.30 10.46
N THR A 138 15.42 -22.24 11.40
CA THR A 138 15.41 -23.68 11.07
C THR A 138 14.13 -24.16 10.41
N ALA A 139 13.03 -23.45 10.62
CA ALA A 139 11.76 -23.85 9.96
C ALA A 139 11.83 -23.47 8.47
N ALA A 140 12.28 -22.24 8.17
CA ALA A 140 12.41 -21.75 6.79
C ALA A 140 13.39 -22.62 5.97
N GLN A 141 14.35 -23.23 6.67
CA GLN A 141 15.32 -24.12 6.05
C GLN A 141 14.64 -25.32 5.45
N ILE A 142 13.51 -25.74 6.01
CA ILE A 142 12.80 -26.90 5.46
C ILE A 142 12.27 -26.50 4.09
N THR A 143 11.67 -25.32 4.02
CA THR A 143 11.13 -24.76 2.77
C THR A 143 12.29 -24.58 1.77
N GLN A 144 13.40 -24.05 2.24
CA GLN A 144 14.57 -23.86 1.37
C GLN A 144 14.99 -25.15 0.64
N ARG A 145 15.10 -26.26 1.38
CA ARG A 145 15.51 -27.53 0.78
C ARG A 145 14.52 -28.06 -0.22
N LYS A 146 13.24 -27.89 0.05
CA LYS A 146 12.21 -28.34 -0.89
C LYS A 146 12.38 -27.56 -2.21
N TRP A 147 12.59 -26.25 -2.08
CA TRP A 147 12.77 -25.34 -3.23
C TRP A 147 14.06 -25.65 -4.01
N GLU A 148 15.15 -25.89 -3.28
CA GLU A 148 16.40 -26.29 -3.92
C GLU A 148 16.20 -27.60 -4.70
N ALA A 149 15.51 -28.57 -4.12
CA ALA A 149 15.24 -29.84 -4.78
C ALA A 149 14.37 -29.67 -6.03
N ALA A 150 13.45 -28.71 -5.98
CA ALA A 150 12.56 -28.44 -7.12
C ALA A 150 13.18 -27.45 -8.14
N ARG A 151 14.39 -26.96 -7.84
CA ARG A 151 15.07 -26.01 -8.70
C ARG A 151 14.17 -24.78 -8.92
N VAL A 152 13.61 -24.31 -7.81
CA VAL A 152 12.73 -23.14 -7.81
C VAL A 152 13.53 -21.89 -8.18
N ALA A 153 14.70 -21.67 -7.57
CA ALA A 153 15.50 -20.47 -7.86
C ALA A 153 15.77 -20.27 -9.37
N GLU A 154 16.03 -21.34 -10.10
CA GLU A 154 16.27 -21.29 -11.53
C GLU A 154 15.02 -20.82 -12.29
N GLN A 155 13.86 -21.29 -11.86
CA GLN A 155 12.61 -20.92 -12.51
C GLN A 155 12.25 -19.47 -12.17
N LEU A 156 12.60 -19.05 -10.96
CA LEU A 156 12.34 -17.69 -10.51
C LEU A 156 13.21 -16.70 -11.27
N ARG A 157 14.51 -17.05 -11.43
CA ARG A 157 15.46 -16.21 -12.16
C ARG A 157 14.93 -16.02 -13.59
N ALA A 158 14.53 -17.12 -14.24
CA ALA A 158 14.01 -17.08 -15.59
C ALA A 158 12.76 -16.20 -15.73
N TYR A 159 11.86 -16.28 -14.74
CA TYR A 159 10.64 -15.48 -14.74
C TYR A 159 10.97 -14.00 -14.58
N LEU A 160 11.72 -13.69 -13.54
CA LEU A 160 12.09 -12.32 -13.25
C LEU A 160 12.86 -11.61 -14.36
N GLU A 161 13.70 -12.34 -15.10
CA GLU A 161 14.51 -11.75 -16.19
C GLU A 161 13.80 -11.88 -17.54
N GLY A 162 12.82 -12.78 -17.61
CA GLY A 162 12.11 -13.00 -18.85
C GLY A 162 10.72 -12.41 -18.81
N LEU A 163 9.73 -13.27 -18.53
CA LEU A 163 8.33 -12.87 -18.45
C LEU A 163 7.98 -11.60 -17.67
N CYS A 164 8.55 -11.42 -16.49
CA CYS A 164 8.24 -10.26 -15.68
C CYS A 164 8.56 -8.91 -16.36
N VAL A 165 9.75 -8.82 -16.96
CA VAL A 165 10.20 -7.60 -17.63
C VAL A 165 9.40 -7.41 -18.92
N GLU A 166 9.10 -8.49 -19.64
CA GLU A 166 8.35 -8.48 -20.87
C GLU A 166 6.93 -7.98 -20.68
N TRP A 167 6.26 -8.47 -19.63
CA TRP A 167 4.91 -8.04 -19.35
C TRP A 167 4.95 -6.62 -18.82
N LEU A 168 5.92 -6.31 -17.97
CA LEU A 168 6.00 -4.95 -17.45
C LEU A 168 6.11 -3.94 -18.61
N ARG A 169 7.03 -4.18 -19.53
CA ARG A 169 7.22 -3.28 -20.66
C ARG A 169 5.95 -3.18 -21.52
N ARG A 170 5.24 -4.30 -21.67
CA ARG A 170 3.98 -4.31 -22.43
C ARG A 170 2.93 -3.42 -21.72
N TYR A 171 2.83 -3.54 -20.39
CA TYR A 171 1.90 -2.72 -19.62
C TYR A 171 2.26 -1.24 -19.68
N LEU A 172 3.56 -0.90 -19.57
CA LEU A 172 4.00 0.50 -19.62
C LEU A 172 3.66 1.17 -20.96
N GLU A 173 3.67 0.38 -22.03
CA GLU A 173 3.30 0.89 -23.36
C GLU A 173 1.77 1.06 -23.47
N ASN A 174 1.04 0.00 -23.16
CA ASN A 174 -0.44 0.01 -23.20
C ASN A 174 -1.09 1.03 -22.27
N GLY A 175 -0.45 1.30 -21.15
CA GLY A 175 -0.98 2.27 -20.21
C GLY A 175 -0.09 3.50 -20.11
N LYS A 176 0.67 3.82 -21.18
CA LYS A 176 1.60 4.95 -21.10
C LYS A 176 1.05 6.30 -20.72
N GLU A 177 -0.18 6.60 -21.13
CA GLU A 177 -0.75 7.91 -20.78
C GLU A 177 -0.93 8.15 -19.32
N THR A 178 -0.93 7.10 -18.52
CA THR A 178 -1.04 7.25 -17.07
C THR A 178 0.24 6.76 -16.37
N LEU A 179 0.64 5.53 -16.71
CA LEU A 179 1.82 4.91 -16.08
C LEU A 179 3.07 5.70 -16.34
N GLN A 180 3.19 6.25 -17.55
CA GLN A 180 4.37 7.05 -17.86
C GLN A 180 4.11 8.56 -17.79
N ARG A 181 3.18 8.98 -16.93
CA ARG A 181 2.88 10.39 -16.73
C ARG A 181 2.94 10.73 -15.25
N ALA A 182 3.92 11.55 -14.87
CA ALA A 182 4.08 11.99 -13.52
C ALA A 182 3.29 13.29 -13.33
N ASP A 183 2.35 13.28 -12.37
CA ASP A 183 1.56 14.46 -12.06
C ASP A 183 2.20 15.12 -10.87
N PRO A 184 2.66 16.37 -11.03
CA PRO A 184 3.31 17.12 -9.95
C PRO A 184 2.31 17.49 -8.84
N PRO A 185 2.82 17.75 -7.62
CA PRO A 185 1.90 18.11 -6.56
C PRO A 185 1.52 19.59 -6.59
N LYS A 186 0.33 19.91 -6.06
CA LYS A 186 -0.11 21.29 -5.91
C LYS A 186 0.30 21.53 -4.45
N THR A 187 1.09 22.57 -4.19
CA THR A 187 1.57 22.79 -2.85
C THR A 187 1.16 24.13 -2.24
N HIS A 188 1.13 24.20 -0.91
CA HIS A 188 0.79 25.43 -0.18
C HIS A 188 1.06 25.26 1.30
N VAL A 189 1.27 26.39 1.99
CA VAL A 189 1.56 26.41 3.42
C VAL A 189 0.41 27.05 4.20
N THR A 190 -0.01 26.40 5.30
CA THR A 190 -1.07 26.92 6.16
C THR A 190 -0.44 27.30 7.50
N HIS A 191 -1.14 28.07 8.32
CA HIS A 191 -0.62 28.56 9.60
C HIS A 191 -1.72 28.36 10.66
N HIS A 192 -1.36 27.82 11.84
CA HIS A 192 -2.35 27.62 12.93
C HIS A 192 -1.67 27.94 14.26
N PRO A 193 -2.01 29.06 14.89
CA PRO A 193 -1.35 29.33 16.17
C PRO A 193 -1.60 28.19 17.18
N VAL A 194 -0.60 27.89 18.00
CA VAL A 194 -0.72 26.84 19.02
C VAL A 194 -0.62 27.43 20.41
N SER A 195 -0.26 28.70 20.47
CA SER A 195 -0.16 29.45 21.72
C SER A 195 0.09 30.90 21.33
N ASP A 196 0.22 31.77 22.32
CA ASP A 196 0.51 33.17 22.06
C ASP A 196 1.98 33.38 21.64
N HIS A 197 2.78 32.32 21.74
CA HIS A 197 4.21 32.41 21.45
C HIS A 197 4.68 31.46 20.31
N GLU A 198 3.85 30.52 19.88
CA GLU A 198 4.22 29.58 18.81
C GLU A 198 3.07 29.31 17.85
N ALA A 199 3.39 28.82 16.66
CA ALA A 199 2.38 28.49 15.64
C ALA A 199 2.85 27.33 14.81
N THR A 200 1.91 26.65 14.17
CA THR A 200 2.22 25.51 13.29
C THR A 200 2.20 25.89 11.80
N LEU A 201 3.27 25.56 11.08
CA LEU A 201 3.33 25.80 9.63
C LEU A 201 3.26 24.40 9.03
N ARG A 202 2.28 24.18 8.17
CA ARG A 202 2.10 22.89 7.55
C ARG A 202 2.20 23.05 6.06
N CYS A 203 3.08 22.26 5.47
CA CYS A 203 3.33 22.27 4.04
C CYS A 203 2.60 21.10 3.40
N TRP A 204 1.72 21.43 2.46
CA TRP A 204 0.89 20.47 1.77
C TRP A 204 1.33 20.16 0.35
N ALA A 205 1.13 18.89 -0.04
CA ALA A 205 1.38 18.39 -1.40
C ALA A 205 0.12 17.55 -1.74
N LEU A 206 -0.60 17.94 -2.76
CA LEU A 206 -1.82 17.24 -3.17
C LEU A 206 -1.83 16.90 -4.66
N GLY A 207 -2.61 15.88 -5.02
CA GLY A 207 -2.75 15.45 -6.39
C GLY A 207 -1.54 14.94 -7.15
N PHE A 208 -0.54 14.40 -6.45
CA PHE A 208 0.65 13.87 -7.14
C PHE A 208 0.67 12.37 -7.48
N TYR A 209 1.40 12.04 -8.53
CA TYR A 209 1.62 10.67 -8.95
C TYR A 209 2.96 10.65 -9.67
N PRO A 210 3.85 9.66 -9.36
CA PRO A 210 3.62 8.58 -8.38
C PRO A 210 3.74 9.04 -6.93
N ALA A 211 3.65 8.09 -6.00
CA ALA A 211 3.69 8.37 -4.55
C ALA A 211 4.99 8.91 -4.02
N GLU A 212 6.10 8.52 -4.66
CA GLU A 212 7.44 8.99 -4.26
C GLU A 212 7.53 10.53 -4.23
N ILE A 213 7.91 11.09 -3.08
CA ILE A 213 8.03 12.54 -2.91
C ILE A 213 8.87 12.83 -1.68
N THR A 214 9.47 14.03 -1.63
CA THR A 214 10.25 14.46 -0.49
C THR A 214 9.79 15.87 -0.05
N LEU A 215 9.34 15.99 1.19
CA LEU A 215 8.89 17.27 1.73
C LEU A 215 9.80 17.52 2.91
N THR A 216 10.37 18.71 2.97
CA THR A 216 11.28 19.06 4.06
C THR A 216 11.11 20.51 4.50
N TRP A 217 11.34 20.78 5.79
CA TRP A 217 11.29 22.15 6.32
C TRP A 217 12.72 22.54 6.70
N GLN A 218 13.07 23.80 6.44
CA GLN A 218 14.38 24.33 6.82
C GLN A 218 14.15 25.61 7.62
N ARG A 219 15.06 25.88 8.55
CA ARG A 219 15.03 27.08 9.37
C ARG A 219 16.43 27.66 9.14
N ASP A 220 16.49 28.81 8.48
CA ASP A 220 17.78 29.44 8.17
C ASP A 220 18.59 28.50 7.27
N GLY A 221 17.90 27.79 6.39
CA GLY A 221 18.55 26.86 5.47
C GLY A 221 19.05 25.53 6.03
N GLU A 222 18.82 25.30 7.32
CA GLU A 222 19.23 24.07 7.98
C GLU A 222 18.02 23.12 8.13
N ASP A 223 18.13 21.89 7.64
CA ASP A 223 17.04 20.91 7.73
C ASP A 223 16.54 20.63 9.15
N GLN A 224 15.24 20.78 9.39
CA GLN A 224 14.64 20.52 10.70
C GLN A 224 14.17 19.08 10.81
N THR A 225 15.08 18.14 10.52
CA THR A 225 14.81 16.69 10.53
C THR A 225 14.09 16.15 11.77
N GLN A 226 14.66 16.43 12.94
CA GLN A 226 14.09 15.96 14.19
C GLN A 226 12.89 16.75 14.66
N ASP A 227 12.65 17.89 14.02
CA ASP A 227 11.54 18.75 14.41
C ASP A 227 10.38 18.83 13.42
N THR A 228 10.40 17.99 12.41
CA THR A 228 9.33 17.99 11.43
C THR A 228 8.42 16.79 11.60
N GLU A 229 7.13 17.05 11.65
CA GLU A 229 6.16 15.98 11.74
C GLU A 229 5.69 15.66 10.32
N LEU A 230 5.91 14.42 9.91
CA LEU A 230 5.53 13.96 8.58
C LEU A 230 4.39 12.94 8.68
N VAL A 231 3.35 13.08 7.86
CA VAL A 231 2.29 12.07 7.87
C VAL A 231 2.63 11.12 6.75
N GLU A 232 2.09 9.92 6.86
CA GLU A 232 2.30 8.92 5.86
C GLU A 232 1.55 9.38 4.63
N THR A 233 2.11 9.10 3.46
CA THR A 233 1.50 9.44 2.18
C THR A 233 0.21 8.62 2.09
N ARG A 234 -0.88 9.27 1.68
CA ARG A 234 -2.20 8.65 1.61
C ARG A 234 -2.80 8.81 0.24
N PRO A 235 -3.59 7.82 -0.20
CA PRO A 235 -4.22 7.86 -1.52
C PRO A 235 -5.50 8.73 -1.50
N ALA A 236 -5.73 9.52 -2.56
CA ALA A 236 -6.91 10.38 -2.64
C ALA A 236 -8.13 9.64 -3.18
N GLY A 237 -7.87 8.55 -3.90
CA GLY A 237 -8.95 7.75 -4.47
C GLY A 237 -9.09 7.90 -5.97
N ASP A 238 -8.38 8.86 -6.55
CA ASP A 238 -8.41 9.14 -7.99
C ASP A 238 -7.05 8.84 -8.65
N ARG A 239 -6.27 7.98 -8.01
CA ARG A 239 -4.92 7.55 -8.43
C ARG A 239 -3.80 8.38 -7.83
N THR A 240 -4.15 9.58 -7.35
CA THR A 240 -3.16 10.50 -6.79
C THR A 240 -2.99 10.34 -5.29
N PHE A 241 -2.02 11.05 -4.75
CA PHE A 241 -1.66 10.98 -3.35
C PHE A 241 -1.56 12.34 -2.71
N GLN A 242 -1.56 12.34 -1.36
CA GLN A 242 -1.47 13.54 -0.54
C GLN A 242 -0.44 13.34 0.57
N LYS A 243 0.12 14.43 1.05
CA LYS A 243 1.10 14.36 2.13
C LYS A 243 1.32 15.76 2.66
N TRP A 244 1.74 15.84 3.91
CA TRP A 244 2.07 17.12 4.53
C TRP A 244 3.18 16.96 5.55
N ALA A 245 3.92 18.05 5.78
CA ALA A 245 5.00 18.13 6.77
C ALA A 245 4.75 19.38 7.59
N ALA A 246 4.80 19.29 8.92
CA ALA A 246 4.54 20.43 9.80
C ALA A 246 5.67 20.70 10.80
N VAL A 247 5.82 21.96 11.17
CA VAL A 247 6.84 22.34 12.12
C VAL A 247 6.21 23.42 13.00
N VAL A 248 6.53 23.44 14.30
CA VAL A 248 5.99 24.45 15.21
C VAL A 248 7.09 25.50 15.34
N VAL A 249 6.74 26.73 15.00
CA VAL A 249 7.69 27.81 15.01
C VAL A 249 7.34 28.93 15.99
N PRO A 250 8.35 29.69 16.43
CA PRO A 250 8.08 30.80 17.34
C PRO A 250 7.37 31.87 16.50
N SER A 251 6.32 32.46 17.06
CA SER A 251 5.57 33.51 16.35
C SER A 251 6.47 34.70 16.06
N GLY A 252 6.41 35.16 14.82
CA GLY A 252 7.23 36.27 14.40
C GLY A 252 8.51 35.78 13.72
N GLU A 253 8.68 34.46 13.62
CA GLU A 253 9.87 33.92 13.00
C GLU A 253 9.54 33.05 11.80
N GLU A 254 8.27 33.04 11.40
CA GLU A 254 7.88 32.19 10.29
C GLU A 254 8.57 32.40 8.96
N GLN A 255 9.08 33.59 8.71
CA GLN A 255 9.74 33.82 7.42
C GLN A 255 11.10 33.11 7.31
N ARG A 256 11.65 32.71 8.45
CA ARG A 256 12.93 32.00 8.51
C ARG A 256 12.82 30.54 8.08
N TYR A 257 11.59 30.11 7.85
CA TYR A 257 11.27 28.74 7.48
C TYR A 257 10.87 28.55 6.05
N THR A 258 11.44 27.54 5.40
CA THR A 258 11.09 27.26 4.01
C THR A 258 10.80 25.79 3.82
N CYS A 259 9.77 25.51 3.03
CA CYS A 259 9.40 24.14 2.72
C CYS A 259 9.98 23.86 1.35
N HIS A 260 10.57 22.69 1.20
CA HIS A 260 11.19 22.27 -0.05
C HIS A 260 10.49 21.00 -0.46
N VAL A 261 10.10 20.94 -1.74
CA VAL A 261 9.34 19.83 -2.31
C VAL A 261 10.04 19.28 -3.56
N GLN A 262 10.25 17.98 -3.60
CA GLN A 262 10.87 17.35 -4.76
C GLN A 262 9.93 16.24 -5.21
N HIS A 263 9.67 16.17 -6.51
CA HIS A 263 8.79 15.16 -7.08
C HIS A 263 9.19 15.09 -8.54
N GLU A 264 9.06 13.94 -9.17
CA GLU A 264 9.50 13.83 -10.55
C GLU A 264 8.59 14.51 -11.59
N GLY A 265 7.43 14.97 -11.17
CA GLY A 265 6.54 15.65 -12.09
C GLY A 265 6.84 17.14 -12.16
N LEU A 266 7.72 17.59 -11.26
CA LEU A 266 8.12 18.99 -11.18
C LEU A 266 9.26 19.36 -12.13
N PRO A 267 9.10 20.50 -12.85
CA PRO A 267 10.14 20.97 -13.79
C PRO A 267 11.44 21.09 -12.99
N LYS A 268 11.35 21.76 -11.85
CA LYS A 268 12.49 21.96 -10.94
C LYS A 268 11.94 21.89 -9.50
N PRO A 269 12.82 21.61 -8.50
CA PRO A 269 12.45 21.51 -7.08
C PRO A 269 11.87 22.82 -6.53
N LEU A 270 10.75 22.72 -5.79
CA LEU A 270 10.08 23.90 -5.21
C LEU A 270 10.52 24.31 -3.80
N THR A 271 10.44 25.62 -3.54
CA THR A 271 10.72 26.19 -2.23
C THR A 271 9.50 27.06 -1.97
N LEU A 272 8.90 26.91 -0.78
CA LEU A 272 7.69 27.66 -0.39
C LEU A 272 7.89 28.29 0.98
N ARG A 273 7.02 29.23 1.29
CA ARG A 273 7.04 29.97 2.54
C ARG A 273 5.56 30.33 2.80
N TRP A 274 5.22 30.64 4.06
CA TRP A 274 3.86 31.04 4.39
C TRP A 274 3.61 32.45 3.82
N GLU A 275 2.49 32.62 3.13
CA GLU A 275 2.11 33.91 2.55
C GLU A 275 0.95 34.47 3.36
N PRO A 276 1.24 35.36 4.31
CA PRO A 276 0.19 35.97 5.14
C PRO A 276 -0.81 36.74 4.29
N ILE B 1 4.40 -10.49 16.59
CA ILE B 1 3.73 -9.28 17.15
C ILE B 1 2.50 -8.96 16.33
N GLN B 2 1.71 -8.03 16.85
CA GLN B 2 0.51 -7.55 16.19
C GLN B 2 0.71 -6.05 16.19
N ARG B 3 0.29 -5.37 15.12
CA ARG B 3 0.47 -3.92 15.07
C ARG B 3 -0.84 -3.18 14.90
N THR B 4 -1.05 -2.13 15.68
CA THR B 4 -2.26 -1.33 15.61
C THR B 4 -2.30 -0.45 14.37
N PRO B 5 -3.52 -0.23 13.83
CA PRO B 5 -3.66 0.61 12.64
C PRO B 5 -3.47 2.11 12.88
N LYS B 6 -2.86 2.76 11.89
CA LYS B 6 -2.72 4.20 11.94
C LYS B 6 -3.98 4.62 11.19
N ILE B 7 -4.59 5.73 11.55
CA ILE B 7 -5.85 6.12 10.92
C ILE B 7 -5.84 7.58 10.41
N GLN B 8 -6.25 7.79 9.16
CA GLN B 8 -6.35 9.15 8.62
C GLN B 8 -7.73 9.38 7.98
N VAL B 9 -8.41 10.44 8.41
CA VAL B 9 -9.73 10.78 7.86
C VAL B 9 -9.59 12.11 7.09
N TYR B 10 -9.96 12.13 5.81
CA TYR B 10 -9.77 13.33 4.98
C TYR B 10 -10.64 13.23 3.73
N SER B 11 -10.69 14.31 2.94
CA SER B 11 -11.48 14.31 1.71
C SER B 11 -10.57 14.26 0.49
N ARG B 12 -11.08 13.71 -0.61
CA ARG B 12 -10.32 13.61 -1.85
C ARG B 12 -9.97 15.01 -2.40
N HIS B 13 -10.96 15.91 -2.47
CA HIS B 13 -10.76 17.29 -2.95
C HIS B 13 -10.92 18.23 -1.77
N PRO B 14 -10.40 19.48 -1.88
CA PRO B 14 -10.54 20.45 -0.77
C PRO B 14 -12.03 20.62 -0.42
N ALA B 15 -12.33 20.63 0.88
CA ALA B 15 -13.72 20.74 1.32
C ALA B 15 -14.46 22.02 0.92
N GLU B 16 -15.59 21.84 0.24
CA GLU B 16 -16.45 22.96 -0.18
C GLU B 16 -17.89 22.69 0.26
N ASN B 17 -18.38 23.40 1.28
CA ASN B 17 -19.76 23.23 1.79
C ASN B 17 -20.79 23.25 0.69
N GLY B 18 -21.64 22.23 0.65
CA GLY B 18 -22.64 22.17 -0.38
C GLY B 18 -22.09 21.54 -1.64
N LYS B 19 -20.78 21.31 -1.66
CA LYS B 19 -20.15 20.70 -2.82
C LYS B 19 -19.83 19.22 -2.55
N SER B 20 -20.26 18.37 -3.48
CA SER B 20 -20.04 16.92 -3.41
C SER B 20 -18.52 16.63 -3.38
N ASN B 21 -18.15 15.50 -2.80
CA ASN B 21 -16.74 15.17 -2.63
C ASN B 21 -16.65 13.68 -2.23
N PHE B 22 -15.55 13.28 -1.61
CA PHE B 22 -15.38 11.89 -1.16
C PHE B 22 -14.74 11.90 0.19
N LEU B 23 -15.35 11.17 1.11
CA LEU B 23 -14.83 11.06 2.47
C LEU B 23 -13.97 9.80 2.45
N ASN B 24 -12.72 9.95 2.89
CA ASN B 24 -11.75 8.86 2.91
C ASN B 24 -11.32 8.47 4.33
N CYS B 25 -11.13 7.17 4.57
CA CYS B 25 -10.60 6.70 5.85
C CYS B 25 -9.49 5.71 5.44
N TYR B 26 -8.26 6.10 5.70
CA TYR B 26 -7.11 5.29 5.34
C TYR B 26 -6.52 4.63 6.57
N VAL B 27 -6.53 3.30 6.59
CA VAL B 27 -5.98 2.52 7.71
C VAL B 27 -4.70 1.85 7.18
N SER B 28 -3.61 1.98 7.92
CA SER B 28 -2.35 1.40 7.45
C SER B 28 -1.46 0.97 8.64
N GLY B 29 -0.38 0.26 8.33
CA GLY B 29 0.53 -0.20 9.36
C GLY B 29 0.00 -1.24 10.33
N PHE B 30 -1.06 -1.97 9.96
CA PHE B 30 -1.61 -2.96 10.87
C PHE B 30 -1.29 -4.41 10.52
N HIS B 31 -1.38 -5.29 11.51
CA HIS B 31 -1.16 -6.74 11.30
C HIS B 31 -1.76 -7.40 12.56
N PRO B 32 -2.56 -8.45 12.40
CA PRO B 32 -2.99 -9.15 11.18
C PRO B 32 -3.97 -8.32 10.34
N SER B 33 -4.47 -8.89 9.26
CA SER B 33 -5.34 -8.18 8.32
C SER B 33 -6.82 -7.91 8.61
N ASP B 34 -7.46 -8.73 9.45
CA ASP B 34 -8.88 -8.50 9.75
C ASP B 34 -8.98 -7.17 10.42
N ILE B 35 -9.93 -6.36 9.96
CA ILE B 35 -10.13 -5.02 10.50
C ILE B 35 -11.53 -4.58 10.10
N GLU B 36 -12.16 -3.80 10.96
CA GLU B 36 -13.51 -3.32 10.68
C GLU B 36 -13.49 -1.79 10.63
N VAL B 37 -13.95 -1.24 9.50
CA VAL B 37 -13.95 0.20 9.31
C VAL B 37 -15.33 0.72 8.85
N ASP B 38 -15.82 1.77 9.53
CA ASP B 38 -17.09 2.37 9.17
C ASP B 38 -16.95 3.91 9.15
N LEU B 39 -17.70 4.54 8.25
CA LEU B 39 -17.71 6.00 8.16
C LEU B 39 -19.03 6.41 8.83
N LEU B 40 -18.97 7.41 9.71
CA LEU B 40 -20.15 7.90 10.43
C LEU B 40 -20.52 9.35 10.10
N LYS B 41 -21.81 9.60 9.89
CA LYS B 41 -22.35 10.95 9.64
C LYS B 41 -23.17 11.28 10.87
N ASN B 42 -22.63 12.15 11.72
CA ASN B 42 -23.30 12.57 12.93
C ASN B 42 -23.52 11.39 13.90
N GLY B 43 -22.51 10.54 14.01
CA GLY B 43 -22.59 9.40 14.92
C GLY B 43 -23.19 8.14 14.31
N GLU B 44 -23.82 8.25 13.15
CA GLU B 44 -24.43 7.10 12.50
C GLU B 44 -23.70 6.54 11.28
N ARG B 45 -23.61 5.22 11.21
CA ARG B 45 -22.92 4.52 10.13
C ARG B 45 -23.53 4.70 8.72
N ILE B 46 -22.73 5.24 7.81
CA ILE B 46 -23.16 5.44 6.43
C ILE B 46 -23.13 4.05 5.80
N GLU B 47 -24.09 3.75 4.93
CA GLU B 47 -24.20 2.43 4.34
C GLU B 47 -23.39 1.98 3.12
N LYS B 48 -23.55 2.63 1.98
CA LYS B 48 -22.85 2.16 0.77
C LYS B 48 -21.33 2.38 0.65
N VAL B 49 -20.62 2.29 1.78
CA VAL B 49 -19.15 2.49 1.82
C VAL B 49 -18.37 1.36 1.14
N GLU B 50 -17.35 1.75 0.37
CA GLU B 50 -16.53 0.78 -0.35
C GLU B 50 -15.09 0.80 0.10
N HIS B 51 -14.31 -0.16 -0.37
CA HIS B 51 -12.91 -0.20 0.02
C HIS B 51 -11.97 -0.82 -1.02
N SER B 52 -10.68 -0.49 -0.91
CA SER B 52 -9.68 -1.04 -1.82
C SER B 52 -9.41 -2.56 -1.54
N ASP B 53 -8.75 -3.24 -2.47
CA ASP B 53 -8.41 -4.65 -2.31
C ASP B 53 -7.20 -4.70 -1.36
N LEU B 54 -7.18 -5.70 -0.48
CA LEU B 54 -6.10 -5.84 0.51
C LEU B 54 -4.71 -5.93 -0.10
N SER B 55 -3.79 -5.09 0.41
CA SER B 55 -2.41 -5.09 -0.04
C SER B 55 -1.55 -4.70 1.15
N PHE B 56 -0.22 -4.75 1.01
CA PHE B 56 0.67 -4.42 2.12
C PHE B 56 1.95 -3.69 1.69
N SER B 57 2.61 -3.12 2.69
CA SER B 57 3.86 -2.39 2.53
C SER B 57 5.11 -3.29 2.62
N LYS B 58 6.28 -2.70 2.37
CA LYS B 58 7.56 -3.42 2.42
C LYS B 58 7.83 -4.08 3.77
N ASP B 59 7.30 -3.48 4.82
CA ASP B 59 7.43 -4.00 6.18
C ASP B 59 6.35 -5.04 6.54
N TRP B 60 5.63 -5.52 5.52
CA TRP B 60 4.57 -6.52 5.67
C TRP B 60 3.21 -6.05 6.27
N SER B 61 3.15 -4.85 6.82
CA SER B 61 1.89 -4.35 7.38
C SER B 61 0.90 -4.00 6.25
N PHE B 62 -0.37 -4.25 6.51
CA PHE B 62 -1.44 -4.02 5.55
C PHE B 62 -1.94 -2.58 5.51
N TYR B 63 -2.63 -2.22 4.43
CA TYR B 63 -3.25 -0.90 4.29
C TYR B 63 -4.52 -1.04 3.44
N LEU B 64 -5.54 -0.25 3.78
CA LEU B 64 -6.81 -0.26 3.06
C LEU B 64 -7.39 1.15 3.00
N LEU B 65 -8.07 1.47 1.92
CA LEU B 65 -8.74 2.77 1.83
C LEU B 65 -10.25 2.48 1.79
N TYR B 66 -10.97 3.11 2.72
CA TYR B 66 -12.44 3.03 2.80
C TYR B 66 -12.91 4.41 2.36
N TYR B 67 -13.92 4.46 1.50
CA TYR B 67 -14.39 5.74 0.99
C TYR B 67 -15.86 5.78 0.60
N THR B 68 -16.41 7.00 0.60
CA THR B 68 -17.80 7.19 0.21
C THR B 68 -18.03 8.61 -0.28
N GLU B 69 -18.95 8.73 -1.23
CA GLU B 69 -19.36 10.02 -1.78
C GLU B 69 -20.06 10.81 -0.64
N PHE B 70 -19.80 12.11 -0.56
CA PHE B 70 -20.43 12.92 0.48
C PHE B 70 -20.36 14.41 0.18
N THR B 71 -21.21 15.17 0.85
CA THR B 71 -21.29 16.62 0.68
C THR B 71 -21.11 17.32 2.04
N PRO B 72 -19.95 17.95 2.26
CA PRO B 72 -19.69 18.63 3.53
C PRO B 72 -20.70 19.76 3.76
N THR B 73 -20.80 20.21 5.01
CA THR B 73 -21.67 21.29 5.46
C THR B 73 -21.01 21.75 6.77
N GLU B 74 -21.31 22.96 7.23
CA GLU B 74 -20.70 23.47 8.47
C GLU B 74 -21.31 22.81 9.70
N LYS B 75 -22.42 22.12 9.48
CA LYS B 75 -23.15 21.47 10.56
C LYS B 75 -22.76 20.01 10.81
N ASP B 76 -22.95 19.19 9.79
CA ASP B 76 -22.67 17.76 9.86
C ASP B 76 -21.26 17.42 10.33
N GLU B 77 -21.19 16.43 11.24
CA GLU B 77 -19.92 15.94 11.76
C GLU B 77 -19.68 14.57 11.14
N TYR B 78 -18.44 14.28 10.73
CA TYR B 78 -18.11 12.99 10.13
C TYR B 78 -16.99 12.34 10.89
N ALA B 79 -16.94 11.00 10.88
CA ALA B 79 -15.87 10.30 11.60
C ALA B 79 -15.61 8.90 11.07
N CYS B 80 -14.51 8.30 11.48
CA CYS B 80 -14.16 6.95 11.05
C CYS B 80 -14.10 6.02 12.27
N ARG B 81 -14.82 4.89 12.21
CA ARG B 81 -14.84 3.92 13.31
C ARG B 81 -13.97 2.71 12.95
N VAL B 82 -12.98 2.41 13.79
CA VAL B 82 -12.09 1.30 13.52
C VAL B 82 -11.97 0.29 14.67
N ASN B 83 -12.13 -0.98 14.31
CA ASN B 83 -11.97 -2.07 15.28
C ASN B 83 -10.95 -3.06 14.71
N HIS B 84 -10.03 -3.49 15.57
CA HIS B 84 -8.96 -4.43 15.22
C HIS B 84 -8.62 -5.23 16.50
N VAL B 85 -8.05 -6.43 16.34
CA VAL B 85 -7.67 -7.26 17.49
C VAL B 85 -6.80 -6.51 18.52
N THR B 86 -5.92 -5.64 18.06
CA THR B 86 -5.05 -4.89 18.96
C THR B 86 -5.80 -3.85 19.78
N LEU B 87 -7.06 -3.61 19.45
CA LEU B 87 -7.85 -2.58 20.14
C LEU B 87 -8.90 -3.12 21.12
N SER B 88 -8.89 -2.58 22.35
CA SER B 88 -9.85 -2.97 23.40
C SER B 88 -11.27 -2.41 23.13
N GLN B 89 -11.33 -1.20 22.58
CA GLN B 89 -12.61 -0.59 22.21
C GLN B 89 -12.40 0.01 20.84
N PRO B 90 -13.46 0.08 20.01
CA PRO B 90 -13.31 0.68 18.68
C PRO B 90 -12.81 2.12 18.85
N LYS B 91 -11.95 2.57 17.94
CA LYS B 91 -11.41 3.92 18.01
C LYS B 91 -12.16 4.80 17.01
N ILE B 92 -12.57 5.98 17.46
CA ILE B 92 -13.30 6.93 16.59
C ILE B 92 -12.43 8.14 16.29
N VAL B 93 -12.13 8.32 15.01
CA VAL B 93 -11.32 9.45 14.59
C VAL B 93 -12.22 10.40 13.84
N LYS B 94 -12.34 11.63 14.35
CA LYS B 94 -13.18 12.66 13.73
C LYS B 94 -12.49 13.34 12.57
N TRP B 95 -13.25 13.66 11.52
CA TRP B 95 -12.73 14.35 10.35
C TRP B 95 -12.42 15.81 10.66
N ASP B 96 -11.15 16.19 10.54
CA ASP B 96 -10.69 17.57 10.78
C ASP B 96 -10.37 18.15 9.39
N ARG B 97 -10.95 19.30 9.08
CA ARG B 97 -10.75 19.94 7.77
C ARG B 97 -9.29 20.29 7.42
N ASP B 98 -8.48 20.60 8.42
CA ASP B 98 -7.08 20.97 8.20
C ASP B 98 -6.12 19.81 8.44
N MET B 99 -6.58 18.58 8.23
CA MET B 99 -5.75 17.39 8.46
C MET B 99 -5.74 16.40 7.29
N VAL C 1 2.14 -12.24 -16.85
CA VAL C 1 1.36 -13.24 -16.04
C VAL C 1 2.11 -13.48 -14.74
N PRO C 2 1.40 -13.98 -13.71
CA PRO C 2 2.05 -14.23 -12.41
C PRO C 2 2.95 -15.48 -12.44
N LEU C 3 3.74 -15.62 -11.39
CA LEU C 3 4.65 -16.75 -11.22
C LEU C 3 3.88 -18.07 -11.02
N ARG C 4 4.53 -19.19 -11.37
CA ARG C 4 3.94 -20.51 -11.18
C ARG C 4 3.78 -20.82 -9.68
N PRO C 5 2.66 -21.46 -9.30
CA PRO C 5 2.47 -21.78 -7.88
C PRO C 5 3.45 -22.83 -7.34
N MET C 6 3.65 -22.83 -6.03
CA MET C 6 4.54 -23.76 -5.37
C MET C 6 4.13 -23.87 -3.89
N THR C 7 4.52 -24.99 -3.26
CA THR C 7 4.22 -25.28 -1.86
C THR C 7 5.43 -25.03 -0.98
N TYR C 8 5.20 -24.53 0.23
CA TYR C 8 6.25 -24.24 1.21
C TYR C 8 6.60 -25.48 2.09
#